data_3K6J
#
_entry.id   3K6J
#
_cell.length_a   78.025
_cell.length_b   90.657
_cell.length_c   66.206
_cell.angle_alpha   90.00
_cell.angle_beta   90.00
_cell.angle_gamma   90.00
#
_symmetry.space_group_name_H-M   'P 21 21 2'
#
loop_
_entity.id
_entity.type
_entity.pdbx_description
1 polymer 'Protein F01G10.3, confirmed by transcript evidence'
2 non-polymer 'PHOSPHATE ION'
3 non-polymer 'ZINC ION'
4 water water
#
_entity_poly.entity_id   1
_entity_poly.type   'polypeptide(L)'
_entity_poly.pdbx_seq_one_letter_code
;MGHHHHHHHHSTGENLYFQGSEVRSYLMEAHSLAGQWSLPNDRGDHTNSEAYDVNSVAIIGGGTMGKAMAICFGLAGIET
FLVVRNEQRCKQELEVMYAREKSFKRLNDKRIEKINANLKITSDFHKLSNCDLIVESVIEDMKLKKELFANLENICKSTC
IFGTNTSSLDLNEISSVLRDPSNLVGIHFFNPANVIRLVEIIYGSHTSSQAIATAFQACESIKKLPVLVGNCKSFVFNRL
LHVYFDQSQKLMYEYGYLPHQIDKIITNFGFLMGPMTVADMNGFDVMEKLKKENGLEPNPIEKEMWRLKRYGRKTNKGFY
KYDDKTQRKENDTEMEQIIRRVSQNAKSNIQIINDQDVINFMLYPTVNEGYRCIEEGVISNESLIDIMFILGFGWPIHSG
GPMRFGKTEGLDKIANMLVHWSSLEPKESAYIVADALKTANVSTGSSGSSGGHHHHHHHH
;
_entity_poly.pdbx_strand_id   A
#
loop_
_chem_comp.id
_chem_comp.type
_chem_comp.name
_chem_comp.formula
PO4 non-polymer 'PHOSPHATE ION' 'O4 P -3'
ZN non-polymer 'ZINC ION' 'Zn 2'
#
# COMPACT_ATOMS: atom_id res chain seq x y z
N HIS A 9 1.59 9.44 3.48
CA HIS A 9 1.21 8.01 3.75
C HIS A 9 1.39 7.13 2.52
N HIS A 10 1.84 5.90 2.74
CA HIS A 10 1.93 4.84 1.70
C HIS A 10 3.03 5.08 0.65
N SER A 11 3.83 6.11 0.87
CA SER A 11 4.78 6.57 -0.14
C SER A 11 6.15 5.89 -0.05
N THR A 12 6.33 4.99 0.91
CA THR A 12 7.62 4.33 1.06
C THR A 12 7.51 2.78 0.99
N GLY A 13 6.55 2.27 0.22
CA GLY A 13 6.51 0.83 -0.08
C GLY A 13 6.02 -0.07 1.04
N GLU A 14 5.25 0.49 1.96
CA GLU A 14 4.83 -0.26 3.13
C GLU A 14 3.93 -1.43 2.71
N ASN A 15 3.16 -1.26 1.65
CA ASN A 15 2.26 -2.35 1.22
C ASN A 15 2.88 -3.41 0.31
N LEU A 16 4.13 -3.19 -0.14
CA LEU A 16 4.84 -4.26 -0.89
C LEU A 16 4.89 -5.57 -0.15
N TYR A 17 4.95 -5.51 1.18
CA TYR A 17 4.96 -6.74 1.97
C TYR A 17 3.79 -7.65 1.69
N PHE A 18 2.67 -7.07 1.26
CA PHE A 18 1.40 -7.80 1.16
C PHE A 18 0.94 -7.98 -0.25
N GLN A 19 1.71 -7.44 -1.20
CA GLN A 19 1.33 -7.52 -2.59
C GLN A 19 1.48 -8.97 -3.10
N GLY A 20 0.37 -9.52 -3.60
CA GLY A 20 0.38 -10.82 -4.29
C GLY A 20 1.04 -10.78 -5.67
N SER A 21 1.48 -11.96 -6.13
CA SER A 21 2.07 -12.12 -7.46
C SER A 21 0.94 -11.94 -8.45
N GLU A 22 1.27 -11.87 -9.74
CA GLU A 22 0.24 -11.72 -10.77
C GLU A 22 -0.87 -12.74 -10.71
N VAL A 23 -0.49 -14.00 -10.52
CA VAL A 23 -1.43 -15.10 -10.42
C VAL A 23 -2.25 -15.04 -9.12
N ARG A 24 -1.58 -14.89 -7.97
CA ARG A 24 -2.30 -14.86 -6.69
C ARG A 24 -3.25 -13.66 -6.65
N SER A 25 -2.79 -12.49 -7.11
CA SER A 25 -3.66 -11.32 -7.20
C SER A 25 -4.84 -11.54 -8.15
N TYR A 26 -4.60 -12.20 -9.28
CA TYR A 26 -5.66 -12.58 -10.21
C TYR A 26 -6.73 -13.36 -9.48
N LEU A 27 -6.31 -14.36 -8.69
CA LEU A 27 -7.23 -15.25 -8.02
C LEU A 27 -7.90 -14.60 -6.80
N MET A 28 -7.15 -13.77 -6.07
CA MET A 28 -7.69 -13.16 -4.86
C MET A 28 -8.63 -11.97 -5.08
N GLU A 29 -8.35 -11.16 -6.12
CA GLU A 29 -9.13 -9.93 -6.40
C GLU A 29 -10.61 -10.25 -6.61
N ALA A 30 -10.88 -11.39 -7.25
CA ALA A 30 -12.26 -11.86 -7.49
C ALA A 30 -13.15 -11.90 -6.24
N HIS A 31 -12.53 -11.92 -5.06
CA HIS A 31 -13.27 -12.06 -3.82
C HIS A 31 -13.53 -10.76 -3.08
N SER A 32 -12.97 -9.67 -3.59
CA SER A 32 -13.29 -8.36 -3.05
C SER A 32 -14.69 -7.95 -3.51
N LEU A 33 -15.49 -7.44 -2.58
CA LEU A 33 -16.74 -6.81 -2.94
C LEU A 33 -16.64 -5.27 -3.00
N ALA A 34 -15.44 -4.71 -3.15
CA ALA A 34 -15.20 -3.23 -3.00
C ALA A 34 -15.90 -2.40 -4.07
N GLY A 35 -16.14 -3.00 -5.23
CA GLY A 35 -16.95 -2.38 -6.29
C GLY A 35 -18.38 -2.17 -5.85
N GLN A 36 -18.82 -2.89 -4.81
CA GLN A 36 -20.20 -2.69 -4.31
C GLN A 36 -20.29 -1.66 -3.18
N TRP A 37 -19.75 -0.47 -3.42
CA TRP A 37 -19.53 0.52 -2.35
C TRP A 37 -20.80 1.19 -1.90
N SER A 38 -20.82 1.63 -0.65
CA SER A 38 -21.84 2.52 -0.15
C SER A 38 -21.29 3.58 0.80
N LEU A 39 -21.78 4.80 0.65
CA LEU A 39 -21.46 5.86 1.61
C LEU A 39 -22.31 5.66 2.87
N PRO A 40 -21.98 6.33 3.98
CA PRO A 40 -22.68 6.01 5.22
C PRO A 40 -24.17 6.33 5.16
N ASN A 41 -24.91 5.70 6.08
CA ASN A 41 -26.32 5.91 6.25
C ASN A 41 -27.04 5.99 4.90
N ASP A 42 -27.64 7.13 4.57
CA ASP A 42 -28.44 7.22 3.36
C ASP A 42 -27.86 8.12 2.25
N ARG A 43 -26.56 8.40 2.34
CA ARG A 43 -25.90 9.29 1.38
C ARG A 43 -25.81 8.82 -0.07
N GLY A 44 -25.99 7.54 -0.33
CA GLY A 44 -25.82 7.03 -1.71
C GLY A 44 -24.91 5.81 -1.83
N ASP A 45 -25.07 5.04 -2.92
CA ASP A 45 -24.25 3.87 -3.18
C ASP A 45 -24.08 3.58 -4.68
N HIS A 46 -23.38 2.50 -5.00
CA HIS A 46 -23.04 2.16 -6.37
C HIS A 46 -24.26 1.85 -7.26
N THR A 47 -25.40 1.49 -6.64
CA THR A 47 -26.65 1.25 -7.38
C THR A 47 -27.34 2.56 -7.83
N ASN A 48 -27.14 3.62 -7.08
CA ASN A 48 -27.95 4.83 -7.34
C ASN A 48 -27.12 6.10 -7.60
N SER A 49 -25.90 5.92 -8.12
CA SER A 49 -24.92 7.02 -8.25
C SER A 49 -24.40 7.13 -9.66
N GLU A 50 -24.45 8.34 -10.20
CA GLU A 50 -23.95 8.60 -11.54
C GLU A 50 -22.44 8.94 -11.56
N ALA A 51 -21.71 8.23 -12.43
CA ALA A 51 -20.32 8.55 -12.72
C ALA A 51 -20.23 9.36 -14.00
N TYR A 52 -19.60 10.54 -13.90
CA TYR A 52 -19.15 11.28 -15.07
C TYR A 52 -18.01 10.52 -15.70
N ASP A 53 -17.87 10.66 -17.00
CA ASP A 53 -16.76 10.01 -17.70
C ASP A 53 -15.53 10.82 -17.45
N VAL A 54 -14.41 10.14 -17.30
CA VAL A 54 -13.15 10.84 -17.08
C VAL A 54 -12.30 10.73 -18.34
N ASN A 55 -12.35 11.78 -19.17
CA ASN A 55 -11.57 11.78 -20.44
C ASN A 55 -10.27 12.55 -20.36
N SER A 56 -10.13 13.28 -19.26
CA SER A 56 -9.04 14.21 -19.10
C SER A 56 -8.78 14.40 -17.61
N VAL A 57 -7.51 14.31 -17.21
CA VAL A 57 -7.15 14.39 -15.79
C VAL A 57 -6.03 15.42 -15.57
N ALA A 58 -5.95 15.98 -14.36
CA ALA A 58 -4.85 16.82 -13.98
C ALA A 58 -4.35 16.41 -12.63
N ILE A 59 -3.04 16.38 -12.49
CA ILE A 59 -2.38 16.04 -11.26
C ILE A 59 -1.55 17.28 -10.91
N ILE A 60 -1.82 17.87 -9.75
CA ILE A 60 -1.12 19.09 -9.38
C ILE A 60 -0.01 18.76 -8.42
N GLY A 61 1.22 19.10 -8.81
CA GLY A 61 2.40 18.81 -7.99
C GLY A 61 3.29 17.76 -8.63
N GLY A 62 4.59 18.07 -8.75
CA GLY A 62 5.56 17.16 -9.39
C GLY A 62 6.49 16.37 -8.48
N GLY A 63 6.09 16.19 -7.22
CA GLY A 63 6.73 15.22 -6.33
C GLY A 63 6.55 13.77 -6.77
N THR A 64 7.03 12.86 -5.95
CA THR A 64 7.05 11.43 -6.25
C THR A 64 5.66 10.85 -6.54
N MET A 65 4.71 11.09 -5.67
CA MET A 65 3.31 10.70 -5.87
C MET A 65 2.62 11.39 -6.99
N GLY A 66 2.85 12.66 -7.14
CA GLY A 66 2.32 13.39 -8.29
C GLY A 66 2.77 12.74 -9.59
N LYS A 67 4.08 12.49 -9.73
CA LYS A 67 4.62 11.86 -10.93
C LYS A 67 4.04 10.43 -11.06
N ALA A 68 3.99 9.69 -9.96
CA ALA A 68 3.50 8.31 -10.04
C ALA A 68 2.03 8.25 -10.48
N MET A 69 1.18 9.13 -9.95
CA MET A 69 -0.21 9.17 -10.37
C MET A 69 -0.35 9.57 -11.83
N ALA A 70 0.40 10.57 -12.26
CA ALA A 70 0.31 11.00 -13.66
C ALA A 70 0.72 9.93 -14.66
N ILE A 71 1.72 9.14 -14.28
CA ILE A 71 2.17 7.99 -15.07
C ILE A 71 1.03 6.98 -15.23
N CYS A 72 0.37 6.66 -14.12
CA CYS A 72 -0.72 5.70 -14.11
C CYS A 72 -1.84 6.13 -15.06
N PHE A 73 -2.27 7.38 -14.98
CA PHE A 73 -3.31 7.86 -15.88
C PHE A 73 -2.84 7.90 -17.36
N GLY A 74 -1.61 8.33 -17.58
CA GLY A 74 -1.06 8.41 -18.91
C GLY A 74 -0.92 7.05 -19.57
N LEU A 75 -0.54 6.05 -18.78
CA LEU A 75 -0.34 4.67 -19.26
C LEU A 75 -1.65 4.10 -19.79
N ALA A 76 -2.76 4.57 -19.23
CA ALA A 76 -4.07 4.10 -19.63
C ALA A 76 -4.62 4.78 -20.89
N GLY A 77 -3.87 5.72 -21.46
CA GLY A 77 -4.33 6.50 -22.62
C GLY A 77 -5.23 7.69 -22.28
N ILE A 78 -5.18 8.15 -21.04
CA ILE A 78 -5.98 9.29 -20.64
C ILE A 78 -5.10 10.54 -20.68
N GLU A 79 -5.60 11.59 -21.36
CA GLU A 79 -4.91 12.87 -21.41
C GLU A 79 -4.71 13.38 -20.00
N THR A 80 -3.44 13.52 -19.61
CA THR A 80 -3.07 13.87 -18.25
C THR A 80 -2.15 15.09 -18.22
N PHE A 81 -2.61 16.15 -17.55
CA PHE A 81 -1.75 17.29 -17.30
C PHE A 81 -1.05 17.09 -15.98
N LEU A 82 0.26 17.29 -15.97
CA LEU A 82 1.00 17.29 -14.74
C LEU A 82 1.43 18.74 -14.48
N VAL A 83 0.78 19.36 -13.51
CA VAL A 83 0.91 20.80 -13.26
C VAL A 83 1.92 21.03 -12.15
N VAL A 84 3.06 21.62 -12.51
CA VAL A 84 4.20 21.70 -11.61
C VAL A 84 4.79 23.13 -11.56
N ARG A 85 5.59 23.45 -10.55
CA ARG A 85 6.28 24.76 -10.49
C ARG A 85 7.40 24.86 -11.53
N ASN A 86 8.15 23.80 -11.70
CA ASN A 86 9.27 23.81 -12.62
C ASN A 86 9.19 22.70 -13.66
N GLU A 87 8.72 23.06 -14.84
CA GLU A 87 8.47 22.11 -15.92
C GLU A 87 9.73 21.38 -16.34
N GLN A 88 10.85 22.10 -16.27
CA GLN A 88 12.11 21.56 -16.73
C GLN A 88 12.68 20.57 -15.72
N ARG A 89 12.70 20.92 -14.45
CA ARG A 89 13.11 19.97 -13.41
C ARG A 89 12.18 18.74 -13.46
N CYS A 90 10.89 18.95 -13.71
CA CYS A 90 9.94 17.87 -13.75
C CYS A 90 10.28 16.83 -14.81
N LYS A 91 10.47 17.27 -16.06
CA LYS A 91 10.91 16.37 -17.15
C LYS A 91 12.21 15.63 -16.83
N GLN A 92 13.10 16.31 -16.10
CA GLN A 92 14.34 15.69 -15.62
C GLN A 92 14.05 14.61 -14.56
N GLU A 93 13.24 14.95 -13.57
CA GLU A 93 12.90 14.01 -12.52
C GLU A 93 12.15 12.79 -13.06
N LEU A 94 11.30 13.03 -14.04
CA LEU A 94 10.54 11.98 -14.66
C LEU A 94 11.46 11.00 -15.40
N GLU A 95 12.53 11.51 -16.01
CA GLU A 95 13.50 10.65 -16.69
C GLU A 95 14.20 9.74 -15.70
N VAL A 96 14.57 10.27 -14.53
CA VAL A 96 15.21 9.45 -13.50
C VAL A 96 14.21 8.36 -13.07
N MET A 97 12.95 8.73 -12.92
CA MET A 97 11.91 7.79 -12.51
C MET A 97 11.71 6.68 -13.55
N TYR A 98 11.60 7.05 -14.82
CA TYR A 98 11.46 6.10 -15.91
C TYR A 98 12.58 5.08 -15.91
N ALA A 99 13.82 5.56 -15.71
CA ALA A 99 15.02 4.71 -15.72
C ALA A 99 15.05 3.76 -14.55
N ARG A 100 14.67 4.24 -13.38
CA ARG A 100 14.59 3.41 -12.19
C ARG A 100 13.50 2.33 -12.34
N GLU A 101 12.37 2.69 -12.93
CA GLU A 101 11.24 1.75 -13.07
C GLU A 101 11.55 0.64 -14.07
N LYS A 102 12.19 1.00 -15.19
CA LYS A 102 12.63 0.02 -16.18
C LYS A 102 13.62 -0.95 -15.53
N SER A 103 14.56 -0.42 -14.75
CA SER A 103 15.52 -1.29 -14.05
C SER A 103 14.85 -2.35 -13.15
N PHE A 104 13.65 -2.03 -12.67
CA PHE A 104 12.87 -2.96 -11.88
C PHE A 104 11.85 -3.75 -12.70
N LYS A 105 11.79 -3.48 -14.01
CA LYS A 105 10.87 -4.14 -14.95
C LYS A 105 9.42 -3.74 -14.73
N ARG A 106 9.23 -2.60 -14.06
CA ARG A 106 7.89 -2.08 -13.82
C ARG A 106 7.36 -1.33 -15.03
N LEU A 107 8.27 -0.80 -15.84
CA LEU A 107 7.94 -0.13 -17.08
C LEU A 107 8.92 -0.59 -18.17
N ASN A 108 8.55 -0.33 -19.42
CA ASN A 108 9.44 -0.56 -20.56
C ASN A 108 9.28 0.58 -21.58
N ASP A 109 10.17 0.66 -22.58
CA ASP A 109 10.11 1.76 -23.56
C ASP A 109 8.78 1.90 -24.29
N LYS A 110 8.13 0.77 -24.57
CA LYS A 110 6.83 0.79 -25.27
C LYS A 110 5.72 1.44 -24.41
N ARG A 111 5.76 1.20 -23.10
CA ARG A 111 4.75 1.78 -22.19
C ARG A 111 5.08 3.27 -21.92
N ILE A 112 6.37 3.56 -21.84
CA ILE A 112 6.83 4.95 -21.72
C ILE A 112 6.44 5.82 -22.93
N GLU A 113 6.43 5.21 -24.11
CA GLU A 113 5.96 5.84 -25.33
C GLU A 113 4.49 6.24 -25.17
N LYS A 114 3.68 5.31 -24.67
CA LYS A 114 2.24 5.57 -24.45
C LYS A 114 2.01 6.67 -23.39
N ILE A 115 2.76 6.63 -22.28
CA ILE A 115 2.67 7.69 -21.25
C ILE A 115 2.96 9.05 -21.88
N ASN A 116 4.12 9.18 -22.53
CA ASN A 116 4.53 10.43 -23.20
C ASN A 116 3.58 11.00 -24.25
N ALA A 117 2.84 10.14 -24.95
CA ALA A 117 1.88 10.59 -25.93
C ALA A 117 0.61 11.14 -25.26
N ASN A 118 0.49 10.93 -23.95
CA ASN A 118 -0.69 11.30 -23.17
C ASN A 118 -0.41 12.30 -22.07
N LEU A 119 0.87 12.42 -21.69
CA LEU A 119 1.27 13.26 -20.59
C LEU A 119 1.78 14.62 -21.08
N LYS A 120 1.22 15.68 -20.50
CA LYS A 120 1.61 17.06 -20.80
C LYS A 120 2.08 17.75 -19.54
N ILE A 121 3.36 18.10 -19.51
CA ILE A 121 3.89 18.79 -18.35
C ILE A 121 3.67 20.28 -18.57
N THR A 122 3.26 20.99 -17.51
CA THR A 122 2.97 22.42 -17.60
C THR A 122 2.91 23.11 -16.23
N SER A 123 2.94 24.44 -16.25
CA SER A 123 2.80 25.22 -15.01
C SER A 123 1.67 26.24 -15.14
N ASP A 124 0.81 26.03 -16.14
CA ASP A 124 -0.31 26.90 -16.49
C ASP A 124 -1.68 26.25 -16.19
N PHE A 125 -2.47 26.90 -15.33
CA PHE A 125 -3.80 26.39 -14.94
C PHE A 125 -4.91 26.50 -16.00
N HIS A 126 -4.83 27.51 -16.85
CA HIS A 126 -5.88 27.74 -17.84
C HIS A 126 -5.86 26.70 -18.95
N LYS A 127 -5.11 25.63 -18.70
CA LYS A 127 -5.07 24.45 -19.58
C LYS A 127 -6.07 23.41 -19.08
N LEU A 128 -6.59 23.61 -17.86
CA LEU A 128 -7.35 22.59 -17.15
C LEU A 128 -8.88 22.66 -17.29
N SER A 129 -9.37 23.70 -17.92
CA SER A 129 -10.81 24.02 -17.87
C SER A 129 -11.72 22.88 -18.37
N ASN A 130 -11.21 22.01 -19.23
CA ASN A 130 -11.99 20.84 -19.66
C ASN A 130 -11.68 19.52 -18.92
N CYS A 131 -10.93 19.59 -17.82
CA CYS A 131 -10.54 18.40 -17.03
C CYS A 131 -11.67 17.83 -16.20
N ASP A 132 -11.80 16.49 -16.22
CA ASP A 132 -12.87 15.79 -15.49
C ASP A 132 -12.51 15.44 -14.06
N LEU A 133 -11.22 15.26 -13.81
CA LEU A 133 -10.71 14.89 -12.49
C LEU A 133 -9.37 15.58 -12.26
N ILE A 134 -9.26 16.25 -11.13
CA ILE A 134 -8.02 16.91 -10.77
C ILE A 134 -7.65 16.44 -9.39
N VAL A 135 -6.43 15.92 -9.25
CA VAL A 135 -5.93 15.46 -7.96
C VAL A 135 -4.73 16.33 -7.57
N GLU A 136 -4.84 16.94 -6.40
CA GLU A 136 -3.78 17.74 -5.79
C GLU A 136 -2.83 16.82 -4.99
N SER A 137 -1.54 16.97 -5.23
CA SER A 137 -0.52 16.28 -4.50
C SER A 137 0.61 17.26 -4.12
N VAL A 138 0.23 18.46 -3.65
CA VAL A 138 1.20 19.47 -3.20
C VAL A 138 1.63 19.27 -1.74
N ILE A 139 2.54 20.13 -1.27
CA ILE A 139 2.99 20.10 0.13
C ILE A 139 1.82 20.28 1.09
N GLU A 140 2.01 19.74 2.30
CA GLU A 140 0.98 19.75 3.34
C GLU A 140 0.80 21.13 4.01
N ASP A 141 0.22 22.06 3.25
CA ASP A 141 -0.03 23.43 3.71
C ASP A 141 -1.51 23.64 3.49
N MET A 142 -2.23 23.73 4.59
CA MET A 142 -3.65 23.95 4.57
C MET A 142 -4.07 25.15 3.74
N LYS A 143 -3.43 26.29 3.97
CA LYS A 143 -3.81 27.53 3.24
C LYS A 143 -3.58 27.43 1.74
N LEU A 144 -2.48 26.81 1.35
CA LEU A 144 -2.18 26.57 -0.07
C LEU A 144 -3.27 25.69 -0.70
N LYS A 145 -3.57 24.54 -0.08
CA LYS A 145 -4.58 23.62 -0.65
C LYS A 145 -5.95 24.31 -0.77
N LYS A 146 -6.39 24.93 0.32
CA LYS A 146 -7.65 25.69 0.34
C LYS A 146 -7.72 26.63 -0.83
N GLU A 147 -6.72 27.51 -0.94
CA GLU A 147 -6.69 28.49 -2.05
C GLU A 147 -6.59 27.83 -3.43
N LEU A 148 -5.86 26.73 -3.52
CA LEU A 148 -5.74 26.03 -4.80
C LEU A 148 -7.11 25.48 -5.31
N PHE A 149 -7.83 24.78 -4.44
CA PHE A 149 -9.17 24.32 -4.80
C PHE A 149 -10.14 25.48 -5.01
N ALA A 150 -10.16 26.42 -4.06
CA ALA A 150 -11.00 27.62 -4.19
C ALA A 150 -10.72 28.28 -5.52
N ASN A 151 -9.46 28.26 -5.90
CA ASN A 151 -8.99 28.73 -7.19
C ASN A 151 -9.54 27.93 -8.37
N LEU A 152 -9.40 26.60 -8.31
CA LEU A 152 -9.84 25.72 -9.41
C LEU A 152 -11.36 25.73 -9.67
N GLU A 153 -12.14 25.89 -8.61
CA GLU A 153 -13.59 25.97 -8.72
C GLU A 153 -13.98 26.97 -9.81
N ASN A 154 -13.50 28.20 -9.67
CA ASN A 154 -13.84 29.26 -10.64
C ASN A 154 -12.97 29.26 -11.88
N ILE A 155 -12.50 28.08 -12.29
CA ILE A 155 -11.87 27.92 -13.60
C ILE A 155 -12.21 26.57 -14.28
N CYS A 156 -12.66 25.61 -13.49
CA CYS A 156 -13.05 24.29 -14.00
C CYS A 156 -14.55 24.13 -14.17
N LYS A 157 -14.93 23.22 -15.07
CA LYS A 157 -16.34 22.95 -15.33
C LYS A 157 -17.00 22.36 -14.09
N SER A 158 -18.30 22.58 -13.95
CA SER A 158 -19.01 22.28 -12.69
C SER A 158 -19.07 20.80 -12.36
N THR A 159 -18.78 19.94 -13.35
CA THR A 159 -18.78 18.49 -13.12
C THR A 159 -17.46 17.92 -12.56
N CYS A 160 -16.46 18.77 -12.34
CA CYS A 160 -15.09 18.36 -12.06
C CYS A 160 -14.94 17.84 -10.64
N ILE A 161 -14.40 16.62 -10.54
CA ILE A 161 -14.17 16.07 -9.24
C ILE A 161 -12.78 16.47 -8.80
N PHE A 162 -12.69 16.93 -7.55
CA PHE A 162 -11.43 17.32 -6.97
C PHE A 162 -10.96 16.26 -6.00
N GLY A 163 -9.79 15.71 -6.29
CA GLY A 163 -9.17 14.73 -5.42
C GLY A 163 -8.08 15.41 -4.62
N THR A 164 -7.81 14.89 -3.43
CA THR A 164 -6.68 15.38 -2.65
C THR A 164 -5.98 14.16 -2.10
N ASN A 165 -4.66 14.14 -2.22
CA ASN A 165 -3.93 13.01 -1.67
C ASN A 165 -3.39 13.29 -0.29
N THR A 166 -3.93 14.31 0.37
CA THR A 166 -3.44 14.74 1.69
C THR A 166 -3.42 13.60 2.70
N SER A 167 -2.34 13.55 3.47
CA SER A 167 -2.13 12.61 4.56
C SER A 167 -2.33 13.28 5.90
N SER A 168 -1.85 14.51 6.06
CA SER A 168 -1.81 15.13 7.39
C SER A 168 -2.95 16.14 7.65
N LEU A 169 -3.54 16.68 6.59
CA LEU A 169 -4.62 17.64 6.75
C LEU A 169 -6.01 16.99 6.74
N ASP A 170 -6.99 17.76 7.22
CA ASP A 170 -8.36 17.27 7.36
C ASP A 170 -9.11 17.56 6.08
N LEU A 171 -9.58 16.50 5.44
CA LEU A 171 -10.35 16.61 4.22
C LEU A 171 -11.49 17.62 4.34
N ASN A 172 -12.21 17.64 5.47
CA ASN A 172 -13.35 18.58 5.60
C ASN A 172 -12.95 20.07 5.68
N GLU A 173 -11.84 20.38 6.35
CA GLU A 173 -11.25 21.75 6.25
C GLU A 173 -11.14 22.22 4.79
N ILE A 174 -10.46 21.43 3.97
CA ILE A 174 -10.16 21.82 2.61
C ILE A 174 -11.44 22.07 1.81
N SER A 175 -12.38 21.13 1.92
CA SER A 175 -13.71 21.32 1.35
C SER A 175 -14.40 22.55 1.96
N SER A 176 -14.21 22.77 3.27
CA SER A 176 -14.87 23.90 3.96
C SER A 176 -14.75 25.26 3.27
N VAL A 177 -14.13 25.29 2.07
CA VAL A 177 -13.90 26.52 1.29
C VAL A 177 -14.40 26.52 -0.14
N LEU A 178 -14.93 25.40 -0.59
CA LEU A 178 -15.59 25.44 -1.90
C LEU A 178 -17.02 25.92 -1.67
N ARG A 179 -17.60 26.56 -2.67
CA ARG A 179 -19.02 26.86 -2.60
C ARG A 179 -19.70 25.49 -2.51
N ASP A 180 -19.42 24.65 -3.52
CA ASP A 180 -19.80 23.24 -3.54
C ASP A 180 -18.74 22.28 -2.96
N PRO A 181 -18.73 22.09 -1.63
CA PRO A 181 -17.76 21.15 -1.04
C PRO A 181 -18.01 19.67 -1.32
N SER A 182 -19.08 19.33 -2.02
CA SER A 182 -19.40 17.92 -2.29
C SER A 182 -18.48 17.23 -3.29
N ASN A 183 -17.77 17.97 -4.14
CA ASN A 183 -16.88 17.30 -5.10
C ASN A 183 -15.43 17.00 -4.64
N LEU A 184 -15.14 17.20 -3.39
CA LEU A 184 -13.81 16.91 -2.92
C LEU A 184 -13.79 15.52 -2.28
N VAL A 185 -12.85 14.69 -2.72
CA VAL A 185 -12.70 13.33 -2.22
C VAL A 185 -11.22 13.07 -1.95
N GLY A 186 -10.89 12.21 -0.99
CA GLY A 186 -9.50 11.86 -0.75
C GLY A 186 -9.14 10.70 -1.68
N ILE A 187 -7.92 10.73 -2.21
CA ILE A 187 -7.43 9.68 -3.10
C ILE A 187 -6.00 9.34 -2.77
N HIS A 188 -5.79 8.13 -2.25
CA HIS A 188 -4.45 7.63 -1.91
C HIS A 188 -4.00 6.49 -2.83
N PHE A 189 -2.99 6.74 -3.66
CA PHE A 189 -2.24 5.69 -4.35
C PHE A 189 -1.15 5.13 -3.41
N PHE A 190 -0.61 3.98 -3.77
CA PHE A 190 0.37 3.29 -2.94
C PHE A 190 1.67 3.11 -3.71
N ASN A 191 2.77 3.55 -3.11
CA ASN A 191 4.11 3.38 -3.67
C ASN A 191 4.60 1.96 -3.43
N PRO A 192 5.15 1.29 -4.47
CA PRO A 192 5.29 1.76 -5.86
C PRO A 192 4.03 1.59 -6.67
N ALA A 193 3.65 2.65 -7.36
CA ALA A 193 2.35 2.76 -8.01
C ALA A 193 2.21 1.97 -9.29
N ASN A 194 3.32 1.47 -9.84
CA ASN A 194 3.18 0.60 -11.00
C ASN A 194 3.13 -0.86 -10.59
N VAL A 195 3.11 -1.09 -9.28
CA VAL A 195 3.08 -2.44 -8.72
C VAL A 195 1.76 -2.64 -7.91
N ILE A 196 1.49 -1.75 -6.97
CA ILE A 196 0.33 -1.88 -6.09
C ILE A 196 -0.89 -1.35 -6.79
N ARG A 197 -1.95 -2.17 -6.86
CA ARG A 197 -3.20 -1.78 -7.55
C ARG A 197 -4.21 -1.09 -6.61
N LEU A 198 -4.13 -1.39 -5.32
CA LEU A 198 -4.98 -0.77 -4.30
C LEU A 198 -4.94 0.77 -4.42
N VAL A 199 -6.12 1.41 -4.32
CA VAL A 199 -6.28 2.87 -4.17
C VAL A 199 -7.34 3.11 -3.09
N GLU A 200 -7.06 4.01 -2.14
CA GLU A 200 -8.07 4.39 -1.16
C GLU A 200 -8.83 5.54 -1.75
N ILE A 201 -10.16 5.41 -1.79
CA ILE A 201 -11.06 6.53 -2.02
C ILE A 201 -11.66 6.88 -0.64
N ILE A 202 -11.30 8.06 -0.13
CA ILE A 202 -11.61 8.44 1.24
C ILE A 202 -12.68 9.53 1.19
N TYR A 203 -13.85 9.22 1.78
CA TYR A 203 -14.95 10.20 1.73
C TYR A 203 -14.84 11.18 2.90
N GLY A 204 -15.23 12.43 2.63
CA GLY A 204 -15.42 13.38 3.69
C GLY A 204 -16.87 13.34 4.15
N SER A 205 -17.24 14.24 5.06
CA SER A 205 -18.63 14.37 5.50
C SER A 205 -19.57 14.84 4.41
N HIS A 206 -19.05 15.57 3.44
CA HIS A 206 -19.92 16.12 2.40
CA HIS A 206 -19.89 16.16 2.41
C HIS A 206 -19.70 15.54 1.00
N THR A 207 -18.64 14.74 0.84
CA THR A 207 -18.36 14.08 -0.46
C THR A 207 -19.62 13.43 -1.01
N SER A 208 -19.94 13.77 -2.25
CA SER A 208 -21.13 13.27 -2.94
C SER A 208 -20.95 11.88 -3.58
N SER A 209 -22.09 11.19 -3.79
CA SER A 209 -22.13 9.88 -4.45
C SER A 209 -21.52 9.96 -5.84
N GLN A 210 -21.77 11.07 -6.53
CA GLN A 210 -21.18 11.29 -7.85
C GLN A 210 -19.68 11.35 -7.79
N ALA A 211 -19.15 12.15 -6.87
CA ALA A 211 -17.70 12.23 -6.70
C ALA A 211 -17.16 10.82 -6.47
N ILE A 212 -17.80 10.06 -5.59
CA ILE A 212 -17.38 8.70 -5.31
C ILE A 212 -17.42 7.79 -6.56
N ALA A 213 -18.53 7.81 -7.28
CA ALA A 213 -18.68 6.97 -8.49
C ALA A 213 -17.68 7.37 -9.56
N THR A 214 -17.49 8.68 -9.73
CA THR A 214 -16.59 9.18 -10.77
C THR A 214 -15.16 8.76 -10.45
N ALA A 215 -14.75 8.82 -9.17
CA ALA A 215 -13.40 8.41 -8.77
C ALA A 215 -13.21 6.90 -8.95
N PHE A 216 -14.22 6.13 -8.53
CA PHE A 216 -14.22 4.68 -8.71
C PHE A 216 -13.99 4.23 -10.13
N GLN A 217 -14.77 4.80 -11.05
CA GLN A 217 -14.73 4.40 -12.46
C GLN A 217 -13.40 4.81 -13.04
N ALA A 218 -12.93 5.99 -12.64
CA ALA A 218 -11.64 6.51 -13.11
C ALA A 218 -10.48 5.59 -12.74
N CYS A 219 -10.41 5.18 -11.48
CA CYS A 219 -9.43 4.20 -11.04
C CYS A 219 -9.55 2.87 -11.79
N GLU A 220 -10.78 2.41 -12.01
CA GLU A 220 -10.99 1.17 -12.73
C GLU A 220 -10.49 1.28 -14.16
N SER A 221 -10.71 2.42 -14.79
CA SER A 221 -10.29 2.63 -16.17
C SER A 221 -8.76 2.62 -16.27
N ILE A 222 -8.06 2.85 -15.17
CA ILE A 222 -6.61 2.82 -15.20
C ILE A 222 -6.04 1.55 -14.58
N LYS A 223 -6.91 0.55 -14.43
CA LYS A 223 -6.53 -0.77 -13.94
C LYS A 223 -6.09 -0.74 -12.48
N LYS A 224 -6.61 0.21 -11.71
CA LYS A 224 -6.44 0.21 -10.28
C LYS A 224 -7.66 -0.38 -9.61
N LEU A 225 -7.52 -0.73 -8.33
CA LEU A 225 -8.63 -1.34 -7.59
C LEU A 225 -9.01 -0.46 -6.39
N PRO A 226 -9.98 0.44 -6.57
CA PRO A 226 -10.39 1.33 -5.49
C PRO A 226 -11.13 0.63 -4.38
N VAL A 227 -10.98 1.19 -3.17
CA VAL A 227 -11.81 0.86 -2.03
C VAL A 227 -12.32 2.14 -1.33
N LEU A 228 -13.59 2.14 -0.95
CA LEU A 228 -14.20 3.26 -0.23
C LEU A 228 -13.96 3.15 1.26
N VAL A 229 -13.36 4.17 1.86
CA VAL A 229 -13.07 4.16 3.29
C VAL A 229 -13.34 5.53 3.92
N GLY A 230 -13.64 5.54 5.21
CA GLY A 230 -13.93 6.80 5.89
C GLY A 230 -12.73 7.61 6.36
N ASN A 231 -11.58 6.96 6.48
CA ASN A 231 -10.31 7.63 6.72
C ASN A 231 -9.18 6.80 6.10
N CYS A 232 -8.00 7.41 5.97
CA CYS A 232 -6.79 6.70 5.56
C CYS A 232 -6.47 5.57 6.54
N LYS A 233 -6.07 4.41 6.01
CA LYS A 233 -5.84 3.23 6.82
C LYS A 233 -4.36 2.87 6.98
N SER A 234 -3.48 3.88 6.85
CA SER A 234 -2.04 3.69 7.08
C SER A 234 -1.77 3.00 8.40
N PHE A 235 -2.39 3.50 9.48
CA PHE A 235 -2.24 2.86 10.79
C PHE A 235 -2.44 1.35 10.70
N VAL A 236 -3.47 0.92 9.95
CA VAL A 236 -3.78 -0.50 9.83
C VAL A 236 -2.65 -1.28 9.17
N PHE A 237 -2.17 -0.75 8.04
CA PHE A 237 -1.09 -1.36 7.31
C PHE A 237 0.18 -1.42 8.13
N ASN A 238 0.50 -0.33 8.84
CA ASN A 238 1.68 -0.33 9.69
C ASN A 238 1.63 -1.43 10.75
N ARG A 239 0.45 -1.61 11.33
CA ARG A 239 0.24 -2.60 12.39
C ARG A 239 0.40 -4.02 11.88
N LEU A 240 -0.22 -4.30 10.75
CA LEU A 240 -0.07 -5.58 10.05
C LEU A 240 1.40 -5.84 9.66
N LEU A 241 2.02 -4.83 9.05
CA LEU A 241 3.41 -4.90 8.61
C LEU A 241 4.34 -5.30 9.76
N HIS A 242 4.25 -4.60 10.87
CA HIS A 242 5.15 -4.85 12.01
C HIS A 242 5.03 -6.23 12.64
N VAL A 243 3.82 -6.78 12.67
CA VAL A 243 3.61 -8.13 13.14
C VAL A 243 4.16 -9.13 12.13
N TYR A 244 3.81 -8.96 10.87
CA TYR A 244 4.30 -9.82 9.81
C TYR A 244 5.81 -9.87 9.83
N PHE A 245 6.43 -8.69 9.91
CA PHE A 245 7.87 -8.59 9.73
C PHE A 245 8.62 -9.08 10.98
N ASP A 246 8.08 -8.81 12.16
CA ASP A 246 8.70 -9.32 13.38
C ASP A 246 8.79 -10.84 13.39
N GLN A 247 7.69 -11.51 13.06
CA GLN A 247 7.68 -12.95 12.87
C GLN A 247 8.77 -13.38 11.90
N SER A 248 8.86 -12.67 10.77
CA SER A 248 9.83 -12.98 9.74
C SER A 248 11.27 -12.92 10.28
N GLN A 249 11.52 -11.97 11.16
CA GLN A 249 12.81 -11.85 11.78
C GLN A 249 13.10 -13.01 12.74
N LYS A 250 12.10 -13.42 13.53
CA LYS A 250 12.27 -14.54 14.44
C LYS A 250 12.77 -15.78 13.71
N LEU A 251 12.34 -15.96 12.46
CA LEU A 251 12.77 -17.09 11.66
C LEU A 251 14.29 -17.10 11.47
N MET A 252 14.89 -15.92 11.50
CA MET A 252 16.32 -15.78 11.33
C MET A 252 17.09 -15.98 12.64
N TYR A 253 16.72 -15.26 13.69
CA TYR A 253 17.49 -15.32 14.93
C TYR A 253 17.15 -16.47 15.89
N GLU A 254 15.90 -16.94 15.88
CA GLU A 254 15.50 -18.05 16.74
C GLU A 254 15.62 -19.40 16.03
N TYR A 255 15.42 -19.37 14.72
CA TYR A 255 15.59 -20.56 13.88
C TYR A 255 16.74 -20.22 12.98
N GLY A 256 17.11 -21.11 12.08
CA GLY A 256 18.34 -20.83 11.34
C GLY A 256 18.11 -20.31 9.94
N TYR A 257 16.91 -19.79 9.66
CA TYR A 257 16.55 -19.46 8.28
C TYR A 257 17.27 -18.22 7.75
N LEU A 258 17.73 -18.34 6.50
CA LEU A 258 18.41 -17.26 5.81
C LEU A 258 17.38 -16.51 4.94
N PRO A 259 17.68 -15.23 4.63
CA PRO A 259 16.73 -14.40 3.90
C PRO A 259 16.15 -15.05 2.66
N HIS A 260 17.00 -15.55 1.76
CA HIS A 260 16.51 -16.14 0.50
C HIS A 260 15.61 -17.35 0.75
N GLN A 261 15.75 -18.01 1.92
CA GLN A 261 14.93 -19.18 2.25
C GLN A 261 13.51 -18.78 2.66
N ILE A 262 13.43 -17.83 3.58
CA ILE A 262 12.17 -17.19 3.94
C ILE A 262 11.46 -16.58 2.72
N ASP A 263 12.17 -15.74 1.97
CA ASP A 263 11.59 -15.07 0.83
C ASP A 263 11.09 -16.08 -0.20
N LYS A 264 11.77 -17.22 -0.30
CA LYS A 264 11.41 -18.22 -1.28
C LYS A 264 10.13 -18.91 -0.88
N ILE A 265 9.97 -19.12 0.42
CA ILE A 265 8.77 -19.74 0.96
C ILE A 265 7.55 -18.82 0.76
N ILE A 266 7.74 -17.54 1.03
CA ILE A 266 6.74 -16.50 0.79
C ILE A 266 6.34 -16.37 -0.69
N THR A 267 7.32 -16.36 -1.59
CA THR A 267 7.00 -16.21 -3.02
C THR A 267 6.40 -17.50 -3.56
N ASN A 268 6.80 -18.64 -2.99
CA ASN A 268 6.16 -19.91 -3.33
C ASN A 268 4.68 -19.92 -2.92
N PHE A 269 4.39 -19.36 -1.75
CA PHE A 269 2.99 -19.17 -1.31
C PHE A 269 2.22 -18.32 -2.34
N GLY A 270 2.90 -17.37 -2.95
CA GLY A 270 2.30 -16.53 -3.99
C GLY A 270 2.43 -15.02 -3.81
N PHE A 271 3.17 -14.57 -2.81
CA PHE A 271 3.48 -13.14 -2.71
C PHE A 271 4.49 -12.72 -3.77
N LEU A 272 4.39 -11.46 -4.21
CA LEU A 272 5.30 -10.96 -5.23
C LEU A 272 6.75 -11.01 -4.74
N MET A 273 6.98 -10.58 -3.51
CA MET A 273 8.32 -10.54 -2.92
C MET A 273 8.29 -10.95 -1.46
N GLY A 274 9.36 -11.58 -0.99
CA GLY A 274 9.49 -11.90 0.41
C GLY A 274 9.84 -10.70 1.26
N PRO A 275 9.65 -10.83 2.58
CA PRO A 275 9.88 -9.70 3.44
C PRO A 275 11.31 -9.13 3.38
N MET A 276 12.36 -9.98 3.37
CA MET A 276 13.75 -9.46 3.43
C MET A 276 14.07 -8.70 2.16
N THR A 277 13.65 -9.26 1.03
CA THR A 277 13.69 -8.56 -0.26
C THR A 277 13.00 -7.20 -0.17
N VAL A 278 11.77 -7.16 0.36
CA VAL A 278 11.05 -5.89 0.45
C VAL A 278 11.74 -4.91 1.38
N ALA A 279 12.28 -5.41 2.51
CA ALA A 279 12.90 -4.50 3.47
C ALA A 279 14.09 -3.78 2.81
N ASP A 280 14.89 -4.52 2.03
CA ASP A 280 16.03 -3.95 1.31
C ASP A 280 15.60 -2.88 0.29
N MET A 281 14.56 -3.19 -0.49
CA MET A 281 13.94 -2.22 -1.40
C MET A 281 13.64 -0.90 -0.70
N ASN A 282 12.95 -0.98 0.44
CA ASN A 282 12.41 0.19 1.12
C ASN A 282 13.42 0.94 1.94
N GLY A 283 14.50 0.28 2.31
CA GLY A 283 15.52 0.90 3.13
C GLY A 283 15.32 0.50 4.59
N PHE A 284 16.18 -0.38 5.07
CA PHE A 284 16.08 -0.92 6.42
C PHE A 284 16.44 0.12 7.51
N ASP A 285 16.96 1.27 7.09
CA ASP A 285 17.15 2.43 7.97
C ASP A 285 15.82 3.00 8.49
N VAL A 286 14.76 2.87 7.68
CA VAL A 286 13.40 3.30 8.06
C VAL A 286 13.00 2.66 9.40
N MET A 287 13.27 1.36 9.55
CA MET A 287 13.01 0.62 10.77
C MET A 287 13.86 1.10 11.93
N GLU A 288 15.11 1.48 11.63
CA GLU A 288 16.04 2.00 12.66
C GLU A 288 15.62 3.39 13.10
N LYS A 289 15.26 4.23 12.15
CA LYS A 289 14.76 5.58 12.44
C LYS A 289 13.49 5.54 13.31
N LEU A 290 12.69 4.49 13.15
CA LEU A 290 11.49 4.27 13.98
C LEU A 290 11.82 4.09 15.47
N LYS A 291 12.76 3.18 15.77
CA LYS A 291 13.23 2.95 17.14
C LYS A 291 14.14 4.08 17.66
N LYS A 292 14.69 4.86 16.73
CA LYS A 292 15.40 6.09 17.07
C LYS A 292 14.42 7.15 17.57
N GLU A 293 13.14 7.02 17.22
CA GLU A 293 12.07 7.87 17.75
C GLU A 293 11.49 7.39 19.09
N ASN A 294 11.25 6.08 19.23
CA ASN A 294 10.84 5.49 20.52
C ASN A 294 11.66 4.27 20.95
N GLY A 295 12.93 4.51 21.24
CA GLY A 295 13.88 3.45 21.54
C GLY A 295 13.56 2.61 22.77
N LEU A 296 13.71 1.28 22.66
CA LEU A 296 13.97 0.60 21.38
C LEU A 296 12.91 -0.52 21.25
N GLU A 297 13.20 -1.82 21.43
CA GLU A 297 14.52 -2.45 21.59
C GLU A 297 14.86 -3.21 20.31
N PRO A 298 16.11 -3.09 19.79
CA PRO A 298 16.47 -3.78 18.54
C PRO A 298 16.83 -5.26 18.76
N ASN A 299 16.25 -6.14 17.94
CA ASN A 299 16.57 -7.58 18.02
C ASN A 299 17.98 -7.87 17.48
N PRO A 300 18.58 -9.00 17.91
CA PRO A 300 19.96 -9.35 17.55
C PRO A 300 20.35 -9.09 16.08
N ILE A 301 19.43 -9.35 15.16
CA ILE A 301 19.70 -9.20 13.72
C ILE A 301 19.68 -7.73 13.31
N GLU A 302 18.74 -6.97 13.86
CA GLU A 302 18.65 -5.52 13.64
C GLU A 302 19.82 -4.78 14.26
N LYS A 303 20.10 -5.12 15.53
CA LYS A 303 21.20 -4.58 16.34
C LYS A 303 22.48 -4.54 15.51
N GLU A 304 22.90 -5.71 15.04
CA GLU A 304 24.14 -5.89 14.29
C GLU A 304 24.07 -5.27 12.89
N MET A 305 22.97 -5.49 12.17
CA MET A 305 22.82 -4.95 10.82
C MET A 305 22.85 -3.43 10.75
N TRP A 306 22.24 -2.77 11.73
CA TRP A 306 22.23 -1.30 11.73
C TRP A 306 23.61 -0.72 12.05
N ARG A 307 24.34 -1.37 12.95
CA ARG A 307 25.75 -1.07 13.18
C ARG A 307 26.53 -1.01 11.86
N LEU A 308 26.43 -2.09 11.06
CA LEU A 308 27.15 -2.19 9.78
C LEU A 308 26.59 -1.29 8.69
N LYS A 309 25.58 -0.50 9.07
CA LYS A 309 24.81 0.33 8.14
C LYS A 309 24.47 -0.40 6.83
N ARG A 310 23.96 -1.63 7.00
CA ARG A 310 23.42 -2.44 5.91
C ARG A 310 21.92 -2.15 5.84
N TYR A 311 21.55 -1.23 4.95
CA TYR A 311 20.19 -0.70 4.89
C TYR A 311 19.40 -1.20 3.67
N GLY A 312 20.09 -1.94 2.81
CA GLY A 312 19.47 -2.50 1.63
C GLY A 312 20.12 -2.00 0.37
N ARG A 313 19.29 -1.65 -0.60
CA ARG A 313 19.77 -1.26 -1.90
C ARG A 313 20.55 0.03 -1.90
N LYS A 314 20.17 0.95 -1.02
CA LYS A 314 20.77 2.27 -0.96
C LYS A 314 22.22 2.21 -0.44
N THR A 315 22.50 1.18 0.36
CA THR A 315 23.85 0.94 0.89
C THR A 315 24.50 -0.24 0.19
N ASN A 316 23.87 -0.71 -0.89
CA ASN A 316 24.35 -1.86 -1.69
C ASN A 316 24.49 -3.20 -0.93
N LYS A 317 24.17 -3.17 0.36
CA LYS A 317 24.15 -4.36 1.20
C LYS A 317 22.99 -4.19 2.18
N GLY A 318 22.31 -5.30 2.48
CA GLY A 318 21.17 -5.30 3.40
C GLY A 318 21.00 -6.72 3.90
N PHE A 319 19.86 -7.32 3.60
CA PHE A 319 19.73 -8.75 3.84
C PHE A 319 20.44 -9.48 2.70
N TYR A 320 20.51 -8.81 1.56
CA TYR A 320 21.21 -9.32 0.39
C TYR A 320 22.43 -8.46 0.10
N LYS A 321 23.08 -8.71 -1.03
CA LYS A 321 24.10 -7.79 -1.53
C LYS A 321 23.78 -7.37 -2.96
N TYR A 322 24.12 -6.13 -3.26
CA TYR A 322 23.77 -5.53 -4.53
C TYR A 322 25.02 -4.98 -5.19
N ASP A 323 25.47 -5.71 -6.20
CA ASP A 323 26.69 -5.38 -6.94
C ASP A 323 26.54 -4.06 -7.71
N ASP A 324 27.67 -3.38 -7.93
CA ASP A 324 27.71 -2.15 -8.73
C ASP A 324 27.78 -2.43 -10.23
N LYS A 325 26.64 -2.24 -10.90
CA LYS A 325 26.52 -2.19 -12.35
C LYS A 325 25.04 -1.95 -12.69
N THR A 326 24.27 -3.04 -12.87
CA THR A 326 22.81 -2.95 -12.94
C THR A 326 22.11 -3.16 -11.55
N GLN A 327 22.91 -3.16 -10.47
CA GLN A 327 22.42 -3.28 -9.09
C GLN A 327 21.66 -4.59 -8.86
N ARG A 328 22.32 -5.72 -9.14
CA ARG A 328 21.65 -7.02 -9.13
C ARG A 328 21.73 -7.75 -7.78
N LYS A 329 20.59 -8.27 -7.36
CA LYS A 329 20.45 -8.97 -6.07
C LYS A 329 21.28 -10.25 -6.08
N GLU A 330 21.98 -10.49 -4.98
CA GLU A 330 22.84 -11.65 -4.83
C GLU A 330 22.94 -11.99 -3.36
N ASN A 331 23.07 -13.28 -3.05
CA ASN A 331 23.16 -13.73 -1.66
C ASN A 331 24.46 -13.24 -1.01
N ASP A 332 24.43 -12.99 0.30
CA ASP A 332 25.59 -12.45 1.00
C ASP A 332 26.04 -13.34 2.13
N THR A 333 27.33 -13.64 2.12
CA THR A 333 27.87 -14.63 3.03
C THR A 333 28.05 -14.06 4.45
N GLU A 334 28.31 -12.76 4.54
CA GLU A 334 28.48 -12.10 5.82
C GLU A 334 27.16 -12.07 6.59
N MET A 335 26.07 -11.96 5.84
CA MET A 335 24.73 -11.97 6.43
C MET A 335 24.44 -13.31 7.10
N GLU A 336 24.84 -14.40 6.46
CA GLU A 336 24.69 -15.74 7.03
C GLU A 336 25.49 -15.96 8.33
N GLN A 337 26.66 -15.32 8.43
CA GLN A 337 27.47 -15.42 9.64
C GLN A 337 26.72 -14.81 10.81
N ILE A 338 26.13 -13.63 10.58
CA ILE A 338 25.28 -12.99 11.58
C ILE A 338 24.15 -13.93 12.01
N ILE A 339 23.54 -14.61 11.03
CA ILE A 339 22.40 -15.53 11.27
C ILE A 339 22.83 -16.79 12.03
N ARG A 340 23.88 -17.46 11.55
CA ARG A 340 24.41 -18.65 12.23
C ARG A 340 24.80 -18.35 13.68
N ARG A 341 25.48 -17.22 13.90
CA ARG A 341 25.99 -16.83 15.21
C ARG A 341 24.92 -16.61 16.31
N VAL A 342 23.68 -16.35 15.90
CA VAL A 342 22.58 -16.19 16.87
C VAL A 342 21.54 -17.31 16.74
N ALA A 346 20.65 -23.24 20.32
CA ALA A 346 19.36 -23.94 20.22
C ALA A 346 18.19 -22.93 20.10
N LYS A 347 17.13 -23.11 20.91
CA LYS A 347 16.11 -22.08 21.16
C LYS A 347 14.69 -22.42 20.66
N SER A 348 13.72 -21.66 21.19
CA SER A 348 12.28 -21.72 20.90
C SER A 348 11.54 -23.05 21.15
N ASN A 349 10.50 -22.94 21.96
CA ASN A 349 9.56 -24.02 22.23
C ASN A 349 8.55 -24.25 21.10
N ILE A 350 8.29 -23.21 20.31
CA ILE A 350 7.37 -23.33 19.17
C ILE A 350 8.05 -24.09 18.02
N GLN A 351 7.37 -25.14 17.54
CA GLN A 351 7.90 -26.02 16.51
C GLN A 351 7.74 -25.45 15.08
N ILE A 352 8.87 -25.33 14.36
CA ILE A 352 8.88 -25.05 12.91
C ILE A 352 9.75 -26.09 12.16
N ILE A 353 9.08 -27.04 11.50
CA ILE A 353 9.79 -28.16 10.86
C ILE A 353 9.81 -28.09 9.32
N ASN A 354 8.81 -27.44 8.73
CA ASN A 354 8.65 -27.44 7.28
C ASN A 354 8.17 -26.08 6.74
N ASP A 355 8.05 -26.00 5.41
CA ASP A 355 7.61 -24.78 4.73
C ASP A 355 6.22 -24.30 5.21
N GLN A 356 5.27 -25.21 5.35
CA GLN A 356 3.92 -24.85 5.82
C GLN A 356 3.93 -24.16 7.19
N ASP A 357 4.71 -24.69 8.13
CA ASP A 357 4.86 -24.07 9.46
C ASP A 357 5.46 -22.67 9.40
N VAL A 358 6.43 -22.49 8.50
CA VAL A 358 7.02 -21.17 8.22
C VAL A 358 5.95 -20.14 7.82
N ILE A 359 5.13 -20.49 6.81
CA ILE A 359 4.00 -19.69 6.37
C ILE A 359 3.03 -19.39 7.52
N ASN A 360 2.65 -20.42 8.29
CA ASN A 360 1.77 -20.23 9.43
C ASN A 360 2.35 -19.27 10.47
N PHE A 361 3.63 -19.43 10.74
CA PHE A 361 4.36 -18.59 11.70
C PHE A 361 4.31 -17.11 11.31
N MET A 362 4.37 -16.85 10.00
CA MET A 362 4.28 -15.48 9.47
C MET A 362 2.85 -14.96 9.33
N LEU A 363 1.98 -15.75 8.72
CA LEU A 363 0.66 -15.27 8.32
C LEU A 363 -0.44 -15.34 9.40
N TYR A 364 -0.47 -16.40 10.20
CA TYR A 364 -1.51 -16.53 11.21
C TYR A 364 -1.52 -15.36 12.21
N PRO A 365 -0.35 -14.95 12.73
CA PRO A 365 -0.35 -13.79 13.64
C PRO A 365 -0.70 -12.46 12.95
N THR A 366 -0.45 -12.38 11.65
CA THR A 366 -0.84 -11.20 10.89
C THR A 366 -2.35 -11.15 10.75
N VAL A 367 -2.95 -12.30 10.41
CA VAL A 367 -4.41 -12.39 10.35
C VAL A 367 -5.06 -11.95 11.67
N ASN A 368 -4.49 -12.44 12.77
CA ASN A 368 -4.99 -12.13 14.10
C ASN A 368 -4.92 -10.63 14.42
N GLU A 369 -3.80 -9.97 14.07
CA GLU A 369 -3.67 -8.51 14.19
C GLU A 369 -4.73 -7.73 13.38
N GLY A 370 -5.05 -8.20 12.18
CA GLY A 370 -6.17 -7.62 11.46
C GLY A 370 -7.45 -7.63 12.28
N TYR A 371 -7.76 -8.76 12.91
CA TYR A 371 -8.97 -8.85 13.74
C TYR A 371 -8.88 -7.93 14.96
N ARG A 372 -7.68 -7.82 15.50
CA ARG A 372 -7.37 -6.83 16.51
C ARG A 372 -7.74 -5.40 16.05
N CYS A 373 -7.32 -5.03 14.82
CA CYS A 373 -7.73 -3.72 14.23
C CYS A 373 -9.22 -3.59 14.02
N ILE A 374 -9.85 -4.65 13.52
CA ILE A 374 -11.30 -4.65 13.41
C ILE A 374 -11.99 -4.35 14.77
N GLU A 375 -11.72 -5.17 15.79
CA GLU A 375 -12.44 -5.02 17.08
C GLU A 375 -12.16 -3.67 17.79
N GLU A 376 -11.04 -3.04 17.47
CA GLU A 376 -10.69 -1.75 18.06
C GLU A 376 -11.34 -0.55 17.34
N GLY A 377 -12.12 -0.83 16.28
CA GLY A 377 -12.78 0.23 15.51
C GLY A 377 -11.92 0.99 14.52
N VAL A 378 -10.65 0.58 14.36
CA VAL A 378 -9.71 1.19 13.39
C VAL A 378 -10.15 0.96 11.94
N ILE A 379 -10.74 -0.20 11.68
CA ILE A 379 -11.20 -0.58 10.34
C ILE A 379 -12.41 -1.48 10.48
N SER A 380 -13.34 -1.39 9.55
CA SER A 380 -14.46 -2.28 9.53
C SER A 380 -14.05 -3.69 8.99
N ASN A 381 -14.86 -4.69 9.32
CA ASN A 381 -14.56 -6.04 8.92
C ASN A 381 -14.56 -6.14 7.39
N GLU A 382 -15.54 -5.53 6.75
CA GLU A 382 -15.69 -5.55 5.31
C GLU A 382 -14.55 -4.82 4.57
N SER A 383 -14.13 -3.69 5.11
CA SER A 383 -13.04 -2.92 4.49
C SER A 383 -11.75 -3.69 4.53
N LEU A 384 -11.37 -4.17 5.71
CA LEU A 384 -10.14 -4.93 5.85
C LEU A 384 -10.05 -6.12 4.86
N ILE A 385 -11.14 -6.88 4.78
CA ILE A 385 -11.18 -8.07 3.96
C ILE A 385 -11.10 -7.77 2.48
N ASP A 386 -11.85 -6.77 1.99
CA ASP A 386 -11.76 -6.35 0.62
C ASP A 386 -10.33 -5.89 0.29
N ILE A 387 -9.75 -5.07 1.16
CA ILE A 387 -8.38 -4.60 0.98
C ILE A 387 -7.39 -5.76 0.79
N MET A 388 -7.44 -6.78 1.65
CA MET A 388 -6.46 -7.85 1.64
C MET A 388 -6.63 -8.74 0.41
N PHE A 389 -7.87 -8.93 -0.04
CA PHE A 389 -8.10 -9.60 -1.31
C PHE A 389 -7.53 -8.82 -2.48
N ILE A 390 -7.78 -7.51 -2.50
CA ILE A 390 -7.29 -6.59 -3.55
C ILE A 390 -5.79 -6.62 -3.57
N LEU A 391 -5.15 -6.58 -2.39
CA LEU A 391 -3.69 -6.65 -2.34
C LEU A 391 -3.15 -7.98 -2.91
N GLY A 392 -3.96 -9.03 -2.85
CA GLY A 392 -3.50 -10.34 -3.29
C GLY A 392 -2.98 -11.16 -2.11
N PHE A 393 -2.92 -10.55 -0.94
CA PHE A 393 -2.66 -11.28 0.30
C PHE A 393 -3.70 -12.38 0.54
N GLY A 394 -4.97 -12.12 0.23
CA GLY A 394 -6.03 -13.06 0.51
C GLY A 394 -6.58 -12.92 1.93
N TRP A 395 -7.49 -13.82 2.28
CA TRP A 395 -8.06 -13.89 3.63
C TRP A 395 -8.66 -15.28 3.92
N PRO A 396 -8.61 -15.75 5.18
CA PRO A 396 -9.16 -17.07 5.50
C PRO A 396 -10.69 -17.14 5.40
N ILE A 397 -11.34 -15.98 5.34
CA ILE A 397 -12.79 -15.86 5.34
C ILE A 397 -13.20 -14.77 4.34
N HIS A 398 -14.29 -15.01 3.61
CA HIS A 398 -14.86 -14.02 2.69
C HIS A 398 -16.36 -13.97 2.86
N SER A 399 -17.05 -13.23 2.00
CA SER A 399 -18.51 -13.07 2.15
C SER A 399 -19.25 -14.41 2.01
N GLY A 400 -18.66 -15.32 1.23
CA GLY A 400 -19.23 -16.65 0.98
C GLY A 400 -18.91 -17.73 2.02
N GLY A 401 -18.10 -17.41 3.00
CA GLY A 401 -17.74 -18.37 4.06
C GLY A 401 -16.25 -18.60 4.12
N PRO A 402 -15.83 -19.84 4.49
CA PRO A 402 -14.40 -20.13 4.61
C PRO A 402 -13.71 -20.02 3.26
N MET A 403 -12.46 -19.58 3.27
CA MET A 403 -11.72 -19.34 2.05
C MET A 403 -10.39 -20.08 2.14
N ARG A 404 -9.95 -20.68 1.05
CA ARG A 404 -8.63 -21.29 1.01
C ARG A 404 -7.59 -20.20 1.32
N PHE A 405 -6.78 -20.47 2.34
CA PHE A 405 -5.71 -19.57 2.74
C PHE A 405 -4.51 -20.45 3.04
N GLY A 406 -3.70 -20.68 2.01
CA GLY A 406 -2.63 -21.66 2.07
C GLY A 406 -3.19 -23.05 2.24
N LYS A 407 -2.62 -23.80 3.19
CA LYS A 407 -3.07 -25.17 3.45
C LYS A 407 -4.14 -25.21 4.56
N THR A 408 -5.06 -24.23 4.52
CA THR A 408 -6.19 -24.16 5.46
C THR A 408 -7.39 -23.43 4.82
N GLU A 409 -8.53 -23.46 5.49
CA GLU A 409 -9.70 -22.66 5.08
C GLU A 409 -10.49 -22.30 6.32
N GLY A 410 -10.98 -21.07 6.40
CA GLY A 410 -11.65 -20.60 7.61
C GLY A 410 -10.64 -20.30 8.68
N LEU A 411 -11.13 -20.14 9.91
CA LEU A 411 -10.32 -19.61 11.00
C LEU A 411 -10.01 -20.59 12.13
N ASP A 412 -10.64 -21.77 12.08
CA ASP A 412 -10.55 -22.71 13.21
C ASP A 412 -9.14 -23.23 13.48
N LYS A 413 -8.44 -23.67 12.42
CA LYS A 413 -7.06 -24.15 12.61
C LYS A 413 -6.14 -23.00 13.01
N ILE A 414 -6.39 -21.82 12.44
CA ILE A 414 -5.66 -20.60 12.77
C ILE A 414 -5.81 -20.25 14.26
N ALA A 415 -7.05 -20.23 14.73
CA ALA A 415 -7.37 -19.95 16.13
C ALA A 415 -6.68 -20.94 17.07
N ASN A 416 -6.70 -22.23 16.68
CA ASN A 416 -6.10 -23.28 17.49
C ASN A 416 -4.59 -23.23 17.55
N MET A 417 -3.98 -22.93 16.40
CA MET A 417 -2.54 -22.82 16.33
C MET A 417 -2.03 -21.65 17.13
N LEU A 418 -2.79 -20.55 17.15
CA LEU A 418 -2.41 -19.36 17.90
C LEU A 418 -2.48 -19.60 19.41
N VAL A 419 -3.56 -20.21 19.87
CA VAL A 419 -3.67 -20.55 21.29
C VAL A 419 -2.54 -21.51 21.72
N HIS A 420 -2.24 -22.50 20.86
CA HIS A 420 -1.15 -23.43 21.11
C HIS A 420 0.21 -22.73 21.13
N TRP A 421 0.43 -21.76 20.23
CA TRP A 421 1.66 -20.97 20.28
C TRP A 421 1.69 -20.06 21.49
N SER A 422 0.52 -19.61 21.93
CA SER A 422 0.43 -18.77 23.11
C SER A 422 0.82 -19.57 24.35
N SER A 423 0.57 -20.87 24.33
CA SER A 423 0.94 -21.77 25.42
C SER A 423 2.43 -21.74 25.61
N LEU A 424 3.16 -21.99 24.53
CA LEU A 424 4.60 -22.15 24.61
C LEU A 424 5.32 -20.82 24.80
N GLU A 425 4.62 -19.71 24.57
CA GLU A 425 5.21 -18.36 24.65
C GLU A 425 4.13 -17.31 25.04
N PRO A 426 3.62 -17.39 26.29
CA PRO A 426 2.48 -16.57 26.74
C PRO A 426 2.76 -15.07 26.91
N LYS A 427 4.04 -14.67 26.81
CA LYS A 427 4.44 -13.26 26.87
C LYS A 427 4.31 -12.48 25.54
N GLU A 428 4.39 -13.20 24.41
CA GLU A 428 4.29 -12.57 23.10
C GLU A 428 2.82 -12.32 22.73
N SER A 429 2.46 -11.05 22.62
CA SER A 429 1.08 -10.65 22.28
C SER A 429 0.60 -11.13 20.91
N ALA A 430 1.54 -11.32 19.98
CA ALA A 430 1.22 -11.76 18.63
C ALA A 430 0.40 -13.05 18.59
N TYR A 431 0.48 -13.84 19.65
CA TYR A 431 -0.20 -15.15 19.71
C TYR A 431 -1.48 -15.14 20.55
N ILE A 432 -1.75 -14.01 21.22
CA ILE A 432 -2.99 -13.82 21.99
C ILE A 432 -4.15 -13.59 21.03
N VAL A 433 -5.01 -14.60 20.90
CA VAL A 433 -6.13 -14.55 19.96
C VAL A 433 -7.13 -13.43 20.28
N ALA A 434 -7.54 -12.68 19.26
CA ALA A 434 -8.54 -11.62 19.39
C ALA A 434 -9.97 -12.17 19.45
N ASP A 435 -10.81 -11.54 20.28
CA ASP A 435 -12.24 -11.87 20.36
C ASP A 435 -12.94 -11.82 19.02
N ALA A 436 -12.62 -10.83 18.18
CA ALA A 436 -13.24 -10.72 16.84
C ALA A 436 -12.87 -11.90 15.93
N LEU A 437 -11.68 -12.46 16.14
CA LEU A 437 -11.28 -13.64 15.37
C LEU A 437 -12.10 -14.85 15.82
N LYS A 438 -12.09 -15.10 17.15
CA LYS A 438 -12.95 -16.13 17.81
C LYS A 438 -14.39 -15.99 17.34
N THR A 439 -14.89 -14.75 17.35
CA THR A 439 -16.25 -14.43 16.87
C THR A 439 -16.49 -14.86 15.43
N ALA A 440 -15.64 -14.40 14.52
CA ALA A 440 -15.79 -14.78 13.10
C ALA A 440 -15.61 -16.29 12.86
N ASN A 441 -14.78 -16.95 13.68
CA ASN A 441 -14.61 -18.41 13.62
C ASN A 441 -15.91 -19.18 13.93
P PO4 B . -1.46 -1.18 -11.97
O1 PO4 B . -2.13 -1.97 -13.06
O2 PO4 B . -2.49 -0.82 -10.92
O3 PO4 B . -0.35 -2.00 -11.32
O4 PO4 B . -0.87 0.08 -12.54
P PO4 C . -14.09 1.91 7.26
O1 PO4 C . -15.53 1.53 6.99
O2 PO4 C . -13.59 1.32 8.56
O3 PO4 C . -13.21 1.32 6.18
O4 PO4 C . -14.00 3.42 7.24
P PO4 D . 9.52 4.92 -7.91
O1 PO4 D . 9.64 3.56 -7.25
O2 PO4 D . 9.16 5.95 -6.88
O3 PO4 D . 10.84 5.30 -8.56
O4 PO4 D . 8.43 4.86 -8.94
P PO4 E . 8.54 13.37 -2.46
O1 PO4 E . 8.31 11.91 -2.18
O2 PO4 E . 9.31 13.94 -1.30
O3 PO4 E . 9.36 13.54 -3.72
O4 PO4 E . 7.23 14.09 -2.64
ZN ZN F . -4.16 6.41 2.93
#